data_3K9C
#
_entry.id   3K9C
#
_cell.length_a   98.435
_cell.length_b   100.543
_cell.length_c   106.433
_cell.angle_alpha   90.00
_cell.angle_beta   90.00
_cell.angle_gamma   90.00
#
_symmetry.space_group_name_H-M   'C 2 2 21'
#
loop_
_entity.id
_entity.type
_entity.pdbx_description
1 polymer 'Transcriptional regulator, LacI family protein'
2 non-polymer GLYCEROL
3 water water
#
_entity_poly.entity_id   1
_entity_poly.type   'polypeptide(L)'
_entity_poly.pdbx_seq_one_letter_code
;(MSE)SLAQKLRQASSRLLGVVFELQQPFHGDLVEQIYAAATRRGYDV(MSE)LSAVAPSRAEKVAVQAL(MSE)RERCE
AAILLGTRFDTDELGALADRVPALVVARASGLPGVGAVRGDDVAGITLAVDHLTELGHRNIAHIDGADAPGGADRRAGFL
AA(MSE)DRHGLSASATVVTGGTTETEGAEG(MSE)HTLLE(MSE)PTPPTAVVAFNDRCATGVLDLLVRSGRDVPADIS
VVGYDDSRLARIPHVQ(MSE)TTISQDATH(MSE)AEAAVDGALAQISGDKAVDLVLAPHLVRRATTGPVAHREGHHHHH
H
;
_entity_poly.pdbx_strand_id   A,B
#
# COMPACT_ATOMS: atom_id res chain seq x y z
N ARG A 13 9.41 -18.77 -19.91
CA ARG A 13 9.17 -17.46 -20.61
C ARG A 13 8.82 -16.40 -19.57
N LEU A 14 9.25 -15.18 -19.84
CA LEU A 14 9.07 -14.11 -18.88
C LEU A 14 8.50 -12.80 -19.43
N LEU A 15 7.62 -12.18 -18.65
CA LEU A 15 7.03 -10.88 -18.99
C LEU A 15 7.51 -9.89 -17.93
N GLY A 16 8.02 -8.74 -18.35
CA GLY A 16 8.51 -7.76 -17.40
C GLY A 16 7.44 -6.75 -17.01
N VAL A 17 7.32 -6.46 -15.72
CA VAL A 17 6.33 -5.51 -15.22
C VAL A 17 6.94 -4.47 -14.28
N VAL A 18 6.73 -3.19 -14.59
CA VAL A 18 7.23 -2.07 -13.79
C VAL A 18 6.01 -1.43 -13.11
N PHE A 19 6.01 -1.43 -11.79
CA PHE A 19 4.88 -0.87 -11.03
C PHE A 19 5.38 -0.02 -9.85
N GLU A 20 4.49 0.77 -9.27
CA GLU A 20 4.84 1.61 -8.12
C GLU A 20 4.56 0.87 -6.82
N LEU A 21 5.62 0.64 -6.05
CA LEU A 21 5.54 -0.07 -4.79
C LEU A 21 4.44 0.38 -3.82
N GLN A 22 4.27 1.67 -3.61
CA GLN A 22 3.25 2.10 -2.67
C GLN A 22 1.92 2.56 -3.29
N GLN A 23 1.56 2.00 -4.43
CA GLN A 23 0.33 2.40 -5.10
C GLN A 23 -0.72 1.29 -5.12
N PRO A 24 -1.82 1.46 -4.36
CA PRO A 24 -2.92 0.49 -4.27
C PRO A 24 -3.41 -0.02 -5.62
N PHE A 25 -3.63 0.89 -6.58
CA PHE A 25 -4.11 0.49 -7.90
C PHE A 25 -3.10 -0.41 -8.62
N HIS A 26 -1.81 -0.11 -8.47
CA HIS A 26 -0.81 -0.96 -9.10
C HIS A 26 -0.77 -2.31 -8.41
N GLY A 27 -1.12 -2.32 -7.13
CA GLY A 27 -1.16 -3.56 -6.38
C GLY A 27 -2.20 -4.47 -7.00
N ASP A 28 -3.39 -3.92 -7.25
CA ASP A 28 -4.45 -4.72 -7.86
C ASP A 28 -4.02 -5.18 -9.25
N LEU A 29 -3.51 -4.25 -10.06
CA LEU A 29 -3.08 -4.63 -11.40
C LEU A 29 -2.03 -5.74 -11.38
N VAL A 30 -1.02 -5.61 -10.52
CA VAL A 30 0.03 -6.61 -10.44
C VAL A 30 -0.53 -7.98 -10.07
N GLU A 31 -1.33 -8.04 -9.03
CA GLU A 31 -1.93 -9.31 -8.62
C GLU A 31 -2.67 -9.92 -9.80
N GLN A 32 -3.40 -9.12 -10.57
CA GLN A 32 -4.13 -9.67 -11.69
C GLN A 32 -3.25 -10.02 -12.90
N ILE A 33 -2.14 -9.31 -13.08
CA ILE A 33 -1.24 -9.62 -14.18
C ILE A 33 -0.55 -10.97 -13.91
N TYR A 34 -0.23 -11.24 -12.65
CA TYR A 34 0.40 -12.52 -12.27
C TYR A 34 -0.54 -13.66 -12.66
N ALA A 35 -1.83 -13.51 -12.33
CA ALA A 35 -2.81 -14.55 -12.63
C ALA A 35 -3.03 -14.71 -14.13
N ALA A 36 -3.13 -13.59 -14.85
CA ALA A 36 -3.34 -13.65 -16.30
C ALA A 36 -2.13 -14.28 -16.99
N ALA A 37 -0.94 -13.83 -16.59
CA ALA A 37 0.30 -14.33 -17.16
C ALA A 37 0.38 -15.84 -16.96
N THR A 38 0.08 -16.31 -15.75
CA THR A 38 0.15 -17.75 -15.47
C THR A 38 -0.87 -18.51 -16.33
N ARG A 39 -2.06 -17.95 -16.51
CA ARG A 39 -3.08 -18.61 -17.34
C ARG A 39 -2.59 -18.74 -18.78
N ARG A 40 -1.68 -17.87 -19.18
CA ARG A 40 -1.15 -17.89 -20.53
C ARG A 40 0.19 -18.64 -20.62
N GLY A 41 0.63 -19.19 -19.50
CA GLY A 41 1.89 -19.93 -19.48
C GLY A 41 3.14 -19.07 -19.37
N TYR A 42 2.98 -17.85 -18.84
CA TYR A 42 4.10 -16.93 -18.67
C TYR A 42 4.36 -16.57 -17.22
N ASP A 43 5.63 -16.37 -16.91
CA ASP A 43 6.01 -15.95 -15.57
C ASP A 43 6.17 -14.44 -15.62
N VAL A 44 6.24 -13.81 -14.47
CA VAL A 44 6.36 -12.37 -14.40
C VAL A 44 7.59 -11.93 -13.62
N LEU A 46 8.88 -8.67 -11.74
CA LEU A 46 8.51 -7.35 -11.23
C LEU A 46 9.74 -6.51 -10.96
N SER A 47 9.66 -5.23 -11.27
CA SER A 47 10.74 -4.30 -11.01
C SER A 47 10.03 -3.08 -10.45
N ALA A 48 10.20 -2.85 -9.15
CA ALA A 48 9.53 -1.78 -8.45
C ALA A 48 10.10 -0.40 -8.61
N VAL A 49 9.19 0.58 -8.65
CA VAL A 49 9.52 1.98 -8.72
C VAL A 49 9.24 2.48 -7.29
N ALA A 50 10.13 3.29 -6.75
CA ALA A 50 9.95 3.82 -5.40
C ALA A 50 10.62 5.19 -5.29
N PRO A 51 10.38 5.91 -4.20
CA PRO A 51 11.02 7.22 -4.07
C PRO A 51 12.52 7.16 -4.33
N SER A 52 13.19 6.12 -3.84
CA SER A 52 14.64 6.00 -4.05
C SER A 52 15.05 5.08 -5.21
N ARG A 53 14.10 4.71 -6.07
CA ARG A 53 14.41 3.86 -7.22
C ARG A 53 13.59 4.36 -8.40
N ALA A 54 14.24 5.17 -9.23
CA ALA A 54 13.61 5.78 -10.40
C ALA A 54 13.11 4.77 -11.40
N GLU A 55 12.14 5.20 -12.18
CA GLU A 55 11.53 4.36 -13.19
C GLU A 55 12.57 3.93 -14.25
N LYS A 56 13.52 4.81 -14.55
CA LYS A 56 14.55 4.49 -15.52
C LYS A 56 15.37 3.30 -15.01
N VAL A 57 15.63 3.29 -13.71
CA VAL A 57 16.39 2.19 -13.10
C VAL A 57 15.60 0.90 -13.14
N ALA A 58 14.33 0.97 -12.76
CA ALA A 58 13.46 -0.21 -12.74
C ALA A 58 13.31 -0.79 -14.14
N VAL A 59 13.09 0.08 -15.13
CA VAL A 59 12.94 -0.38 -16.50
C VAL A 59 14.25 -0.99 -16.97
N GLN A 60 15.36 -0.33 -16.66
CA GLN A 60 16.67 -0.81 -17.07
C GLN A 60 17.01 -2.16 -16.44
N ALA A 61 16.40 -2.47 -15.30
CA ALA A 61 16.66 -3.75 -14.64
C ALA A 61 16.02 -4.91 -15.40
N LEU A 62 14.86 -4.66 -16.01
CA LEU A 62 14.17 -5.71 -16.75
C LEU A 62 14.98 -6.06 -18.00
N ARG A 64 18.03 -6.42 -18.11
CA ARG A 64 19.08 -7.35 -17.69
C ARG A 64 18.59 -8.79 -17.67
N GLU A 65 17.29 -8.98 -17.82
CA GLU A 65 16.74 -10.33 -17.82
C GLU A 65 16.16 -10.72 -19.17
N ARG A 66 15.64 -11.94 -19.25
CA ARG A 66 15.07 -12.46 -20.49
C ARG A 66 13.63 -12.06 -20.76
N CYS A 67 13.25 -10.84 -20.38
CA CYS A 67 11.88 -10.39 -20.60
C CYS A 67 11.57 -10.26 -22.09
N GLU A 68 10.53 -10.99 -22.52
CA GLU A 68 10.10 -10.97 -23.92
C GLU A 68 9.25 -9.73 -24.19
N ALA A 69 8.81 -9.07 -23.11
CA ALA A 69 8.01 -7.86 -23.23
C ALA A 69 8.13 -7.04 -21.96
N ALA A 70 7.72 -5.77 -22.05
CA ALA A 70 7.77 -4.86 -20.92
C ALA A 70 6.43 -4.16 -20.76
N ILE A 71 5.80 -4.36 -19.61
CA ILE A 71 4.51 -3.76 -19.31
C ILE A 71 4.72 -2.70 -18.23
N LEU A 72 4.51 -1.45 -18.60
CA LEU A 72 4.71 -0.33 -17.69
C LEU A 72 3.39 0.24 -17.16
N LEU A 73 3.18 0.06 -15.86
CA LEU A 73 1.97 0.56 -15.22
C LEU A 73 2.11 2.04 -14.91
N GLY A 74 1.26 2.86 -15.51
CA GLY A 74 1.30 4.29 -15.26
C GLY A 74 2.68 4.92 -15.40
N THR A 75 3.37 4.62 -16.49
CA THR A 75 4.71 5.15 -16.74
C THR A 75 4.70 6.65 -16.99
N ARG A 76 5.77 7.32 -16.57
CA ARG A 76 5.92 8.75 -16.76
C ARG A 76 6.98 9.00 -17.84
N PHE A 77 7.31 7.94 -18.58
CA PHE A 77 8.29 8.00 -19.67
C PHE A 77 7.82 8.93 -20.80
N ASP A 78 8.74 9.70 -21.37
CA ASP A 78 8.38 10.58 -22.48
C ASP A 78 8.48 9.75 -23.76
N THR A 79 7.99 10.32 -24.87
CA THR A 79 8.01 9.63 -26.16
C THR A 79 9.38 9.12 -26.57
N ASP A 80 10.44 9.87 -26.22
CA ASP A 80 11.78 9.45 -26.56
C ASP A 80 12.16 8.24 -25.73
N GLU A 81 11.86 8.30 -24.44
CA GLU A 81 12.15 7.20 -23.52
C GLU A 81 11.42 5.92 -23.94
N LEU A 82 10.13 6.02 -24.24
CA LEU A 82 9.37 4.86 -24.67
C LEU A 82 9.89 4.36 -26.01
N GLY A 83 10.30 5.29 -26.86
CA GLY A 83 10.82 4.90 -28.16
C GLY A 83 12.07 4.07 -27.98
N ALA A 84 13.01 4.57 -27.19
CA ALA A 84 14.26 3.88 -26.91
C ALA A 84 13.98 2.47 -26.38
N LEU A 85 12.97 2.37 -25.52
CA LEU A 85 12.59 1.08 -24.92
C LEU A 85 11.99 0.17 -25.98
N ALA A 86 11.06 0.72 -26.76
CA ALA A 86 10.41 -0.05 -27.81
C ALA A 86 11.42 -0.54 -28.83
N ASP A 87 12.57 0.12 -28.91
CA ASP A 87 13.60 -0.30 -29.85
C ASP A 87 14.33 -1.53 -29.37
N ARG A 88 14.17 -1.86 -28.09
CA ARG A 88 14.84 -3.02 -27.53
C ARG A 88 13.91 -4.19 -27.23
N VAL A 89 12.66 -3.90 -26.92
CA VAL A 89 11.72 -4.97 -26.60
C VAL A 89 10.27 -4.53 -26.84
N PRO A 90 9.38 -5.48 -27.14
CA PRO A 90 8.00 -5.07 -27.36
C PRO A 90 7.57 -4.39 -26.06
N ALA A 91 6.90 -3.25 -26.18
CA ALA A 91 6.48 -2.52 -25.00
C ALA A 91 5.00 -2.16 -25.02
N LEU A 92 4.40 -2.10 -23.84
CA LEU A 92 3.00 -1.75 -23.69
C LEU A 92 2.79 -1.01 -22.36
N VAL A 93 2.06 0.10 -22.41
CA VAL A 93 1.81 0.86 -21.20
C VAL A 93 0.36 0.66 -20.71
N VAL A 94 0.19 0.68 -19.39
CA VAL A 94 -1.12 0.51 -18.77
C VAL A 94 -1.56 1.78 -18.04
N ALA A 95 -2.85 2.07 -18.12
CA ALA A 95 -3.47 3.23 -17.49
C ALA A 95 -3.05 4.59 -18.07
N ARG A 96 -2.75 4.60 -19.36
CA ARG A 96 -2.38 5.81 -20.08
C ARG A 96 -2.07 5.47 -21.52
N ALA A 97 -2.20 6.44 -22.41
CA ALA A 97 -1.89 6.22 -23.82
C ALA A 97 -0.37 6.25 -23.92
N SER A 98 0.17 5.53 -24.89
CA SER A 98 1.62 5.45 -25.08
C SER A 98 2.19 6.70 -25.77
N GLY A 99 1.46 7.21 -26.76
CA GLY A 99 1.92 8.37 -27.48
C GLY A 99 2.73 7.97 -28.70
N LEU A 100 3.16 6.71 -28.72
CA LEU A 100 3.93 6.16 -29.84
C LEU A 100 3.14 5.04 -30.50
N PRO A 101 3.12 5.02 -31.84
CA PRO A 101 2.41 4.02 -32.65
C PRO A 101 2.82 2.57 -32.38
N GLY A 102 4.10 2.35 -32.11
CA GLY A 102 4.57 1.00 -31.85
C GLY A 102 4.52 0.52 -30.42
N VAL A 103 4.08 1.38 -29.51
CA VAL A 103 3.97 1.01 -28.10
C VAL A 103 2.49 0.88 -27.75
N GLY A 104 2.07 -0.33 -27.42
CA GLY A 104 0.67 -0.58 -27.10
C GLY A 104 0.21 0.06 -25.80
N ALA A 105 -1.10 0.08 -25.60
CA ALA A 105 -1.66 0.66 -24.38
C ALA A 105 -2.99 0.00 -24.03
N VAL A 106 -3.22 -0.18 -22.73
CA VAL A 106 -4.44 -0.74 -22.21
C VAL A 106 -4.75 0.18 -21.04
N ARG A 107 -5.73 1.04 -21.27
CA ARG A 107 -6.10 2.05 -20.31
C ARG A 107 -7.61 2.11 -20.10
N GLY A 108 -8.00 2.88 -19.10
CA GLY A 108 -9.41 3.02 -18.81
C GLY A 108 -9.93 4.30 -19.44
N ASP A 109 -11.22 4.30 -19.74
CA ASP A 109 -11.82 5.48 -20.33
C ASP A 109 -12.03 6.49 -19.18
N ASP A 110 -10.97 7.25 -18.92
CA ASP A 110 -11.00 8.23 -17.84
C ASP A 110 -12.11 9.26 -18.00
N VAL A 111 -12.31 9.77 -19.21
CA VAL A 111 -13.36 10.76 -19.43
C VAL A 111 -14.74 10.18 -19.10
N ALA A 112 -14.99 8.96 -19.53
CA ALA A 112 -16.28 8.33 -19.24
C ALA A 112 -16.38 8.04 -17.74
N GLY A 113 -15.26 7.67 -17.12
CA GLY A 113 -15.27 7.38 -15.70
C GLY A 113 -15.73 8.55 -14.85
N ILE A 114 -15.07 9.68 -15.01
CA ILE A 114 -15.39 10.88 -14.24
C ILE A 114 -16.82 11.30 -14.54
N THR A 115 -17.24 11.13 -15.80
CA THR A 115 -18.61 11.46 -16.19
C THR A 115 -19.61 10.66 -15.37
N LEU A 116 -19.30 9.38 -15.12
CA LEU A 116 -20.21 8.55 -14.33
C LEU A 116 -20.35 9.16 -12.94
N ALA A 117 -19.23 9.60 -12.37
CA ALA A 117 -19.23 10.18 -11.04
C ALA A 117 -20.10 11.44 -11.00
N VAL A 118 -19.90 12.34 -11.96
CA VAL A 118 -20.68 13.56 -12.01
C VAL A 118 -22.16 13.25 -12.22
N ASP A 119 -22.47 12.38 -13.18
CA ASP A 119 -23.87 12.03 -13.43
C ASP A 119 -24.48 11.53 -12.13
N HIS A 120 -23.75 10.66 -11.44
CA HIS A 120 -24.24 10.10 -10.18
C HIS A 120 -24.54 11.20 -9.16
N LEU A 121 -23.66 12.20 -9.09
CA LEU A 121 -23.85 13.28 -8.13
C LEU A 121 -24.96 14.24 -8.52
N THR A 122 -25.04 14.61 -9.80
CA THR A 122 -26.10 15.52 -10.20
C THR A 122 -27.46 14.85 -10.01
N GLU A 123 -27.51 13.53 -10.21
CA GLU A 123 -28.76 12.80 -10.01
C GLU A 123 -29.22 12.82 -8.54
N LEU A 124 -28.28 13.02 -7.62
CA LEU A 124 -28.62 13.07 -6.21
C LEU A 124 -28.99 14.49 -5.80
N GLY A 125 -28.90 15.42 -6.75
CA GLY A 125 -29.26 16.80 -6.47
C GLY A 125 -28.11 17.78 -6.35
N HIS A 126 -26.87 17.29 -6.43
CA HIS A 126 -25.71 18.17 -6.31
C HIS A 126 -25.53 19.11 -7.49
N ARG A 127 -25.24 20.38 -7.19
CA ARG A 127 -25.03 21.39 -8.22
C ARG A 127 -23.62 21.93 -8.07
N ASN A 128 -23.22 22.20 -6.83
CA ASN A 128 -21.88 22.71 -6.57
C ASN A 128 -20.95 21.53 -6.33
N ILE A 129 -20.29 21.09 -7.40
CA ILE A 129 -19.38 19.96 -7.33
C ILE A 129 -17.97 20.37 -7.67
N ALA A 130 -17.01 19.84 -6.94
CA ALA A 130 -15.60 20.15 -7.15
C ALA A 130 -14.79 18.92 -7.51
N HIS A 131 -13.63 19.16 -8.10
CA HIS A 131 -12.73 18.09 -8.49
C HIS A 131 -11.32 18.39 -7.99
N ILE A 132 -10.69 17.39 -7.37
CA ILE A 132 -9.32 17.52 -6.91
C ILE A 132 -8.57 16.67 -7.92
N ASP A 133 -7.93 17.31 -8.89
CA ASP A 133 -7.24 16.58 -9.95
C ASP A 133 -5.96 15.89 -9.52
N GLY A 134 -5.38 15.15 -10.45
CA GLY A 134 -4.16 14.43 -10.15
C GLY A 134 -2.93 15.10 -10.74
N ALA A 135 -3.01 16.42 -10.90
CA ALA A 135 -1.90 17.21 -11.44
C ALA A 135 -1.41 16.66 -12.79
N ASP A 136 -0.13 16.33 -12.87
CA ASP A 136 0.43 15.82 -14.12
C ASP A 136 0.54 14.30 -14.14
N ALA A 137 -0.07 13.65 -13.16
CA ALA A 137 -0.04 12.19 -13.07
C ALA A 137 -0.84 11.54 -14.19
N PRO A 138 -0.43 10.35 -14.64
CA PRO A 138 -1.14 9.67 -15.70
C PRO A 138 -2.65 9.64 -15.43
N GLY A 139 -3.43 10.16 -16.37
CA GLY A 139 -4.87 10.17 -16.21
C GLY A 139 -5.43 11.46 -15.66
N GLY A 140 -4.55 12.31 -15.14
CA GLY A 140 -4.99 13.58 -14.57
C GLY A 140 -5.62 14.52 -15.58
N ALA A 141 -4.96 14.70 -16.71
CA ALA A 141 -5.47 15.58 -17.76
C ALA A 141 -6.86 15.14 -18.24
N ASP A 142 -7.03 13.86 -18.52
CA ASP A 142 -8.32 13.36 -19.00
C ASP A 142 -9.48 13.55 -18.01
N ARG A 143 -9.27 13.21 -16.73
CA ARG A 143 -10.33 13.34 -15.74
C ARG A 143 -10.69 14.79 -15.52
N ARG A 144 -9.67 15.65 -15.58
CA ARG A 144 -9.87 17.08 -15.43
C ARG A 144 -10.78 17.51 -16.60
N ALA A 145 -10.38 17.15 -17.81
CA ALA A 145 -11.15 17.52 -18.99
C ALA A 145 -12.55 16.90 -18.92
N GLY A 146 -12.63 15.64 -18.52
CA GLY A 146 -13.91 14.98 -18.40
C GLY A 146 -14.80 15.67 -17.38
N PHE A 147 -14.23 16.03 -16.23
CA PHE A 147 -15.00 16.69 -15.18
C PHE A 147 -15.68 17.96 -15.68
N LEU A 148 -14.89 18.82 -16.32
CA LEU A 148 -15.39 20.08 -16.86
C LEU A 148 -16.47 19.86 -17.92
N ALA A 149 -16.22 18.94 -18.85
CA ALA A 149 -17.21 18.66 -19.89
C ALA A 149 -18.48 18.08 -19.29
N ALA A 150 -18.34 17.24 -18.27
CA ALA A 150 -19.50 16.63 -17.65
C ALA A 150 -20.38 17.69 -16.96
N ASP A 152 -20.50 20.90 -17.65
CA ASP A 152 -21.06 21.72 -18.71
C ASP A 152 -22.31 21.03 -19.26
N ARG A 153 -22.18 19.73 -19.52
CA ARG A 153 -23.29 18.94 -20.04
C ARG A 153 -24.55 19.07 -19.19
N HIS A 154 -24.37 19.27 -17.89
CA HIS A 154 -25.51 19.43 -16.99
C HIS A 154 -25.84 20.90 -16.78
N GLY A 155 -25.12 21.78 -17.48
CA GLY A 155 -25.34 23.21 -17.35
C GLY A 155 -24.94 23.72 -15.98
N LEU A 156 -23.85 23.16 -15.44
CA LEU A 156 -23.35 23.55 -14.14
C LEU A 156 -21.94 24.12 -14.22
N SER A 157 -21.52 24.51 -15.41
CA SER A 157 -20.19 25.07 -15.61
C SER A 157 -19.90 26.18 -14.61
N ALA A 158 -20.95 26.87 -14.19
CA ALA A 158 -20.83 27.98 -13.26
C ALA A 158 -20.51 27.55 -11.83
N SER A 159 -20.98 26.37 -11.43
CA SER A 159 -20.73 25.90 -10.09
C SER A 159 -19.78 24.71 -10.02
N ALA A 160 -18.77 24.70 -10.89
CA ALA A 160 -17.80 23.62 -10.93
C ALA A 160 -16.43 24.17 -10.56
N THR A 161 -15.80 23.55 -9.58
CA THR A 161 -14.48 23.98 -9.12
C THR A 161 -13.44 22.89 -9.29
N VAL A 162 -12.24 23.28 -9.69
CA VAL A 162 -11.16 22.33 -9.84
C VAL A 162 -9.93 22.85 -9.12
N VAL A 163 -9.38 22.03 -8.24
CA VAL A 163 -8.18 22.40 -7.50
C VAL A 163 -7.10 21.39 -7.80
N THR A 164 -5.85 21.84 -7.81
CA THR A 164 -4.76 20.93 -8.09
C THR A 164 -4.61 19.99 -6.91
N GLY A 165 -4.38 18.72 -7.20
CA GLY A 165 -4.22 17.74 -6.14
C GLY A 165 -3.05 16.83 -6.43
N GLY A 166 -3.29 15.53 -6.35
CA GLY A 166 -2.22 14.58 -6.61
C GLY A 166 -2.69 13.16 -6.42
N THR A 167 -1.76 12.27 -6.13
CA THR A 167 -2.09 10.86 -5.95
C THR A 167 -1.97 10.39 -4.49
N THR A 168 -1.61 11.30 -3.59
CA THR A 168 -1.47 10.91 -2.18
C THR A 168 -2.58 11.47 -1.29
N GLU A 169 -2.59 11.02 -0.04
CA GLU A 169 -3.59 11.45 0.93
C GLU A 169 -3.45 12.91 1.32
N THR A 170 -2.22 13.41 1.38
CA THR A 170 -2.00 14.80 1.76
C THR A 170 -2.60 15.76 0.73
N GLU A 171 -2.32 15.49 -0.54
CA GLU A 171 -2.85 16.34 -1.60
C GLU A 171 -4.38 16.32 -1.56
N GLY A 172 -4.94 15.18 -1.17
CA GLY A 172 -6.39 15.09 -1.05
C GLY A 172 -6.86 15.99 0.06
N ALA A 173 -6.19 15.91 1.22
CA ALA A 173 -6.54 16.70 2.38
C ALA A 173 -6.34 18.20 2.15
N GLU A 174 -5.24 18.57 1.49
CA GLU A 174 -4.97 19.98 1.22
C GLU A 174 -6.02 20.50 0.24
N GLY A 175 -6.35 19.68 -0.75
CA GLY A 175 -7.34 20.08 -1.73
C GLY A 175 -8.67 20.38 -1.06
N HIS A 177 -9.17 21.07 2.07
CA HIS A 177 -9.02 22.23 2.93
C HIS A 177 -9.30 23.47 2.08
N THR A 178 -8.56 23.60 0.99
CA THR A 178 -8.71 24.72 0.06
C THR A 178 -10.16 24.97 -0.33
N LEU A 179 -10.86 23.88 -0.69
CA LEU A 179 -12.27 23.98 -1.10
C LEU A 179 -13.18 24.49 0.02
N LEU A 180 -12.94 24.03 1.24
CA LEU A 180 -13.75 24.45 2.39
C LEU A 180 -13.63 25.95 2.61
N GLU A 181 -12.51 26.53 2.16
CA GLU A 181 -12.28 27.95 2.33
C GLU A 181 -12.88 28.80 1.22
N PRO A 183 -15.66 30.76 -1.07
CA PRO A 183 -16.79 31.61 -0.68
C PRO A 183 -18.04 30.74 -0.61
N THR A 184 -18.08 29.75 -1.50
CA THR A 184 -19.21 28.82 -1.58
C THR A 184 -18.68 27.39 -1.78
N PRO A 185 -18.30 26.72 -0.67
CA PRO A 185 -17.77 25.36 -0.75
C PRO A 185 -18.72 24.38 -1.44
N PRO A 186 -18.16 23.38 -2.13
CA PRO A 186 -18.95 22.37 -2.85
C PRO A 186 -19.68 21.42 -1.91
N THR A 187 -20.76 20.83 -2.40
CA THR A 187 -21.53 19.87 -1.60
C THR A 187 -21.09 18.46 -1.97
N ALA A 188 -20.23 18.35 -2.98
CA ALA A 188 -19.72 17.06 -3.44
C ALA A 188 -18.35 17.24 -4.07
N VAL A 189 -17.50 16.24 -3.86
CA VAL A 189 -16.14 16.25 -4.39
C VAL A 189 -15.77 14.95 -5.07
N VAL A 190 -15.11 15.08 -6.23
CA VAL A 190 -14.63 13.94 -6.99
C VAL A 190 -13.12 14.05 -6.87
N ALA A 191 -12.51 13.13 -6.11
CA ALA A 191 -11.07 13.11 -5.90
C ALA A 191 -10.40 12.36 -7.05
N PHE A 192 -9.12 12.64 -7.29
CA PHE A 192 -8.41 11.97 -8.39
C PHE A 192 -8.43 10.45 -8.28
N ASN A 193 -8.10 9.93 -7.09
CA ASN A 193 -8.16 8.49 -6.84
C ASN A 193 -8.52 8.22 -5.40
N ASP A 194 -8.61 6.94 -5.04
CA ASP A 194 -8.99 6.53 -3.69
C ASP A 194 -8.06 7.04 -2.59
N ARG A 195 -6.76 6.94 -2.79
CA ARG A 195 -5.81 7.41 -1.78
C ARG A 195 -6.06 8.90 -1.55
N CYS A 196 -6.25 9.64 -2.63
CA CYS A 196 -6.52 11.05 -2.53
C CYS A 196 -7.84 11.29 -1.75
N ALA A 197 -8.87 10.48 -2.04
CA ALA A 197 -10.15 10.63 -1.36
C ALA A 197 -10.05 10.27 0.12
N THR A 198 -9.14 9.36 0.45
CA THR A 198 -8.95 9.00 1.85
C THR A 198 -8.57 10.28 2.60
N GLY A 199 -7.64 11.04 2.03
CA GLY A 199 -7.21 12.28 2.64
C GLY A 199 -8.36 13.28 2.76
N VAL A 200 -9.22 13.29 1.75
CA VAL A 200 -10.38 14.18 1.73
C VAL A 200 -11.28 13.81 2.90
N LEU A 201 -11.60 12.52 3.01
CA LEU A 201 -12.46 12.02 4.08
C LEU A 201 -11.88 12.31 5.46
N ASP A 202 -10.59 12.06 5.63
CA ASP A 202 -9.92 12.28 6.91
C ASP A 202 -10.09 13.73 7.34
N LEU A 203 -9.90 14.65 6.42
CA LEU A 203 -10.04 16.07 6.75
C LEU A 203 -11.45 16.44 7.12
N LEU A 204 -12.42 15.94 6.35
CA LEU A 204 -13.82 16.26 6.62
C LEU A 204 -14.32 15.80 7.98
N VAL A 205 -14.01 14.56 8.36
CA VAL A 205 -14.45 14.06 9.66
C VAL A 205 -13.79 14.82 10.81
N ARG A 206 -12.49 15.12 10.66
CA ARG A 206 -11.78 15.85 11.70
C ARG A 206 -12.29 17.29 11.79
N SER A 207 -12.92 17.78 10.73
CA SER A 207 -13.42 19.14 10.69
C SER A 207 -14.89 19.22 11.10
N GLY A 208 -15.44 18.11 11.58
CA GLY A 208 -16.82 18.11 12.02
C GLY A 208 -17.88 17.92 10.94
N ARG A 209 -17.45 17.70 9.70
CA ARG A 209 -18.40 17.51 8.61
C ARG A 209 -18.68 16.02 8.39
N ASP A 210 -19.97 15.67 8.28
CA ASP A 210 -20.36 14.29 8.06
C ASP A 210 -20.48 13.94 6.58
N VAL A 211 -20.01 12.75 6.22
CA VAL A 211 -20.07 12.25 4.84
C VAL A 211 -21.04 11.07 4.89
N PRO A 212 -22.12 11.10 4.08
CA PRO A 212 -22.51 12.14 3.10
C PRO A 212 -23.45 13.25 3.59
N ALA A 213 -23.96 13.14 4.81
CA ALA A 213 -24.89 14.14 5.34
C ALA A 213 -24.57 15.59 4.95
N ASP A 214 -23.29 15.95 4.97
CA ASP A 214 -22.90 17.32 4.62
C ASP A 214 -22.24 17.41 3.25
N ILE A 215 -21.34 16.47 2.98
CA ILE A 215 -20.62 16.46 1.71
C ILE A 215 -20.45 15.04 1.20
N SER A 216 -20.67 14.86 -0.11
CA SER A 216 -20.52 13.57 -0.76
C SER A 216 -19.13 13.53 -1.37
N VAL A 217 -18.53 12.34 -1.33
CA VAL A 217 -17.19 12.15 -1.84
C VAL A 217 -17.11 10.91 -2.73
N VAL A 218 -16.47 11.08 -3.89
CA VAL A 218 -16.27 9.97 -4.81
C VAL A 218 -14.78 9.79 -5.10
N GLY A 219 -14.33 8.55 -5.05
CA GLY A 219 -12.93 8.24 -5.33
C GLY A 219 -12.77 7.65 -6.72
N TYR A 220 -11.62 7.01 -6.97
CA TYR A 220 -11.36 6.42 -8.28
C TYR A 220 -10.34 5.29 -8.13
N ASP A 221 -10.66 4.15 -8.74
CA ASP A 221 -9.84 2.91 -8.75
C ASP A 221 -10.48 1.68 -8.11
N ASP A 222 -11.34 1.89 -7.11
CA ASP A 222 -11.96 0.79 -6.38
C ASP A 222 -10.84 -0.10 -5.85
N SER A 223 -9.92 0.54 -5.13
CA SER A 223 -8.77 -0.15 -4.54
C SER A 223 -9.16 -0.69 -3.16
N ARG A 224 -8.20 -1.33 -2.48
CA ARG A 224 -8.47 -1.89 -1.16
C ARG A 224 -8.92 -0.81 -0.18
N LEU A 225 -8.54 0.43 -0.45
CA LEU A 225 -8.92 1.54 0.43
C LEU A 225 -10.43 1.83 0.41
N ALA A 226 -11.03 1.73 -0.77
CA ALA A 226 -12.46 2.00 -0.91
C ALA A 226 -13.40 0.98 -0.28
N ARG A 227 -12.98 -0.28 -0.21
CA ARG A 227 -13.84 -1.32 0.36
C ARG A 227 -13.68 -1.56 1.86
N ILE A 228 -12.82 -0.80 2.51
CA ILE A 228 -12.64 -0.94 3.95
C ILE A 228 -14.01 -0.71 4.56
N PRO A 229 -14.51 -1.69 5.34
CA PRO A 229 -15.81 -1.66 6.01
C PRO A 229 -16.29 -0.35 6.64
N HIS A 230 -15.41 0.37 7.32
CA HIS A 230 -15.84 1.62 7.96
C HIS A 230 -15.64 2.85 7.09
N VAL A 231 -15.16 2.64 5.86
CA VAL A 231 -14.96 3.75 4.95
C VAL A 231 -16.06 3.72 3.90
N GLN A 232 -16.28 2.54 3.31
CA GLN A 232 -17.31 2.34 2.27
C GLN A 232 -17.41 3.53 1.30
N THR A 234 -17.63 5.41 -2.29
CA THR A 234 -18.25 5.28 -3.60
C THR A 234 -17.07 5.62 -4.49
N THR A 235 -16.91 4.89 -5.58
CA THR A 235 -15.75 5.11 -6.40
C THR A 235 -15.96 4.54 -7.80
N ILE A 236 -14.99 4.76 -8.68
CA ILE A 236 -15.07 4.27 -10.04
C ILE A 236 -14.09 3.11 -10.15
N SER A 237 -14.57 1.99 -10.66
CA SER A 237 -13.73 0.81 -10.87
C SER A 237 -13.25 0.82 -12.31
N GLN A 238 -11.98 0.50 -12.53
CA GLN A 238 -11.42 0.46 -13.88
C GLN A 238 -11.34 -0.99 -14.33
N ASP A 239 -11.82 -1.90 -13.49
CA ASP A 239 -11.81 -3.34 -13.74
C ASP A 239 -10.39 -3.86 -13.87
N ALA A 240 -9.66 -3.87 -12.76
CA ALA A 240 -8.28 -4.31 -12.73
C ALA A 240 -8.07 -5.70 -13.33
N THR A 241 -9.02 -6.60 -13.12
CA THR A 241 -8.89 -7.95 -13.66
C THR A 241 -8.84 -7.98 -15.19
N HIS A 242 -9.80 -7.34 -15.85
CA HIS A 242 -9.79 -7.34 -17.31
C HIS A 242 -8.66 -6.46 -17.90
N ALA A 244 -5.72 -6.08 -16.69
CA ALA A 244 -4.54 -6.92 -16.58
C ALA A 244 -4.55 -8.01 -17.64
N GLU A 245 -5.71 -8.64 -17.84
CA GLU A 245 -5.79 -9.69 -18.84
C GLU A 245 -5.55 -9.09 -20.24
N ALA A 246 -6.09 -7.91 -20.49
CA ALA A 246 -5.92 -7.24 -21.78
C ALA A 246 -4.46 -6.83 -21.97
N ALA A 247 -3.84 -6.37 -20.90
CA ALA A 247 -2.45 -5.95 -20.94
C ALA A 247 -1.56 -7.14 -21.31
N VAL A 248 -1.76 -8.26 -20.64
CA VAL A 248 -0.98 -9.47 -20.90
C VAL A 248 -1.21 -10.00 -22.31
N ASP A 249 -2.47 -10.06 -22.74
CA ASP A 249 -2.76 -10.55 -24.08
C ASP A 249 -2.23 -9.57 -25.09
N GLY A 250 -2.28 -8.29 -24.75
CA GLY A 250 -1.77 -7.27 -25.66
C GLY A 250 -0.28 -7.45 -25.88
N ALA A 251 0.45 -7.73 -24.80
CA ALA A 251 1.90 -7.93 -24.90
C ALA A 251 2.24 -9.21 -25.66
N LEU A 252 1.51 -10.28 -25.40
CA LEU A 252 1.75 -11.55 -26.07
C LEU A 252 1.45 -11.44 -27.57
N ALA A 253 0.52 -10.55 -27.94
CA ALA A 253 0.17 -10.37 -29.34
C ALA A 253 1.27 -9.59 -30.05
N GLN A 254 1.85 -8.61 -29.37
CA GLN A 254 2.94 -7.81 -29.96
C GLN A 254 4.16 -8.71 -30.10
N ILE A 255 4.31 -9.64 -29.17
CA ILE A 255 5.43 -10.56 -29.21
C ILE A 255 5.32 -11.47 -30.42
N SER A 256 4.09 -11.82 -30.77
CA SER A 256 3.83 -12.68 -31.92
C SER A 256 4.02 -11.94 -33.23
N GLY A 257 4.10 -10.61 -33.16
CA GLY A 257 4.29 -9.82 -34.36
C GLY A 257 3.17 -8.87 -34.70
N ASP A 258 2.01 -9.05 -34.07
CA ASP A 258 0.88 -8.18 -34.35
C ASP A 258 1.21 -6.72 -34.05
N LYS A 259 0.41 -5.82 -34.62
CA LYS A 259 0.61 -4.39 -34.44
C LYS A 259 0.17 -3.94 -33.05
N ALA A 260 0.88 -2.95 -32.50
CA ALA A 260 0.56 -2.42 -31.18
C ALA A 260 -0.80 -1.75 -31.24
N VAL A 261 -1.60 -1.91 -30.19
CA VAL A 261 -2.94 -1.34 -30.15
C VAL A 261 -3.21 -0.46 -28.93
N ASP A 262 -4.12 0.50 -29.10
CA ASP A 262 -4.53 1.38 -28.00
C ASP A 262 -5.93 0.95 -27.60
N LEU A 263 -6.00 0.08 -26.59
CA LEU A 263 -7.27 -0.44 -26.10
C LEU A 263 -7.81 0.36 -24.92
N VAL A 264 -9.04 0.84 -25.06
CA VAL A 264 -9.69 1.61 -24.02
C VAL A 264 -10.82 0.77 -23.41
N LEU A 265 -10.78 0.57 -22.09
CA LEU A 265 -11.78 -0.22 -21.38
C LEU A 265 -12.76 0.69 -20.65
N ALA A 266 -14.03 0.25 -20.57
CA ALA A 266 -15.04 1.05 -19.89
C ALA A 266 -15.02 0.84 -18.39
N PRO A 267 -15.10 1.94 -17.62
CA PRO A 267 -15.09 1.84 -16.16
C PRO A 267 -16.55 1.68 -15.68
N HIS A 268 -16.74 1.39 -14.40
CA HIS A 268 -18.09 1.26 -13.85
C HIS A 268 -18.16 1.93 -12.49
N LEU A 269 -19.33 2.45 -12.19
CA LEU A 269 -19.55 3.13 -10.92
C LEU A 269 -19.76 2.09 -9.79
N VAL A 270 -19.09 2.28 -8.66
CA VAL A 270 -19.27 1.38 -7.54
C VAL A 270 -19.80 2.21 -6.37
N ARG A 271 -21.09 2.06 -6.11
CA ARG A 271 -21.73 2.82 -5.05
C ARG A 271 -21.68 2.16 -3.67
N ARG A 272 -21.11 2.88 -2.72
CA ARG A 272 -21.03 2.40 -1.35
C ARG A 272 -21.77 3.38 -0.44
N ALA A 273 -21.09 4.06 0.47
CA ALA A 273 -21.80 4.96 1.37
C ALA A 273 -21.32 6.39 1.52
N THR A 274 -20.37 6.84 0.69
CA THR A 274 -19.87 8.21 0.80
C THR A 274 -20.60 9.26 -0.05
N THR A 275 -21.65 8.86 -0.76
CA THR A 275 -22.40 9.81 -1.56
C THR A 275 -23.87 9.68 -1.18
N GLY A 276 -24.60 10.78 -1.34
CA GLY A 276 -26.02 10.76 -1.01
C GLY A 276 -26.72 12.07 -1.39
N PRO A 277 -28.00 12.21 -1.01
CA PRO A 277 -28.78 13.41 -1.31
C PRO A 277 -28.03 14.68 -0.92
N VAL A 278 -28.12 15.71 -1.74
CA VAL A 278 -27.46 16.97 -1.39
C VAL A 278 -28.15 17.51 -0.15
N ALA A 279 -27.39 18.15 0.73
CA ALA A 279 -27.96 18.67 1.97
C ALA A 279 -28.96 19.80 1.78
N HIS A 280 -29.73 20.06 2.84
CA HIS A 280 -30.75 21.10 2.89
C HIS A 280 -31.95 20.76 2.02
N GLN B 9 26.86 -12.73 -18.04
CA GLN B 9 25.89 -13.86 -17.93
C GLN B 9 25.81 -14.29 -16.47
N ALA B 10 26.96 -14.29 -15.81
CA ALA B 10 27.07 -14.63 -14.40
C ALA B 10 27.59 -13.37 -13.72
N SER B 11 27.61 -12.29 -14.50
CA SER B 11 28.07 -10.98 -14.04
C SER B 11 26.94 -10.23 -13.34
N SER B 12 25.76 -10.84 -13.31
CA SER B 12 24.58 -10.25 -12.66
C SER B 12 24.01 -11.26 -11.67
N ARG B 13 24.33 -11.07 -10.39
CA ARG B 13 23.90 -11.98 -9.33
C ARG B 13 22.54 -11.57 -8.74
N LEU B 14 21.65 -12.56 -8.60
CA LEU B 14 20.30 -12.34 -8.10
C LEU B 14 20.01 -12.77 -6.68
N LEU B 15 19.23 -11.95 -5.99
CA LEU B 15 18.78 -12.25 -4.64
C LEU B 15 17.25 -12.28 -4.74
N GLY B 16 16.65 -13.38 -4.30
CA GLY B 16 15.22 -13.51 -4.36
C GLY B 16 14.54 -12.92 -3.15
N VAL B 17 13.46 -12.18 -3.36
CA VAL B 17 12.73 -11.58 -2.25
C VAL B 17 11.22 -11.85 -2.33
N VAL B 18 10.69 -12.57 -1.34
CA VAL B 18 9.25 -12.85 -1.29
C VAL B 18 8.62 -11.81 -0.35
N PHE B 19 7.55 -11.14 -0.78
CA PHE B 19 6.90 -10.12 0.06
C PHE B 19 5.40 -10.00 -0.21
N GLU B 20 4.67 -9.44 0.75
CA GLU B 20 3.23 -9.26 0.61
C GLU B 20 2.86 -7.97 -0.12
N LEU B 21 2.23 -8.14 -1.27
CA LEU B 21 1.79 -7.00 -2.08
C LEU B 21 0.88 -6.10 -1.22
N GLN B 22 1.06 -4.78 -1.35
CA GLN B 22 0.24 -3.84 -0.61
C GLN B 22 0.36 -3.91 0.92
N GLN B 23 1.50 -4.39 1.42
CA GLN B 23 1.70 -4.43 2.87
C GLN B 23 2.70 -3.29 3.10
N PRO B 24 2.25 -2.21 3.75
CA PRO B 24 3.10 -1.05 4.04
C PRO B 24 4.54 -1.34 4.46
N PHE B 25 4.70 -2.11 5.53
CA PHE B 25 6.03 -2.43 6.03
C PHE B 25 6.87 -3.25 5.05
N HIS B 26 6.25 -4.12 4.24
CA HIS B 26 7.04 -4.88 3.26
C HIS B 26 7.48 -3.95 2.15
N GLY B 27 6.65 -2.94 1.85
CA GLY B 27 7.03 -1.97 0.84
C GLY B 27 8.30 -1.23 1.26
N ASP B 28 8.36 -0.79 2.52
CA ASP B 28 9.55 -0.08 3.02
C ASP B 28 10.78 -0.98 2.97
N LEU B 29 10.62 -2.22 3.42
CA LEU B 29 11.73 -3.18 3.42
C LEU B 29 12.19 -3.47 2.01
N VAL B 30 11.26 -3.66 1.07
CA VAL B 30 11.64 -3.94 -0.31
C VAL B 30 12.44 -2.79 -0.90
N GLU B 31 11.95 -1.57 -0.73
CA GLU B 31 12.65 -0.41 -1.26
C GLU B 31 14.08 -0.38 -0.76
N GLN B 32 14.27 -0.55 0.53
CA GLN B 32 15.60 -0.54 1.10
C GLN B 32 16.44 -1.76 0.71
N ILE B 33 15.80 -2.92 0.53
CA ILE B 33 16.55 -4.12 0.13
C ILE B 33 17.15 -3.89 -1.26
N TYR B 34 16.36 -3.30 -2.15
CA TYR B 34 16.82 -2.99 -3.49
C TYR B 34 18.09 -2.14 -3.42
N ALA B 35 18.04 -1.11 -2.57
CA ALA B 35 19.16 -0.20 -2.42
C ALA B 35 20.39 -0.87 -1.80
N ALA B 36 20.19 -1.65 -0.75
CA ALA B 36 21.31 -2.35 -0.11
C ALA B 36 21.93 -3.33 -1.11
N ALA B 37 21.06 -4.01 -1.85
CA ALA B 37 21.47 -4.98 -2.86
C ALA B 37 22.38 -4.34 -3.89
N THR B 38 21.94 -3.20 -4.43
CA THR B 38 22.71 -2.48 -5.44
C THR B 38 24.07 -2.05 -4.91
N ARG B 39 24.11 -1.60 -3.67
CA ARG B 39 25.38 -1.17 -3.09
C ARG B 39 26.36 -2.32 -3.03
N ARG B 40 25.85 -3.56 -3.04
CA ARG B 40 26.71 -4.74 -2.97
C ARG B 40 26.89 -5.40 -4.35
N GLY B 41 26.31 -4.80 -5.39
CA GLY B 41 26.45 -5.36 -6.72
C GLY B 41 25.48 -6.49 -7.05
N TYR B 42 24.33 -6.49 -6.39
CA TYR B 42 23.33 -7.53 -6.62
C TYR B 42 22.01 -6.98 -7.14
N ASP B 43 21.33 -7.78 -7.95
CA ASP B 43 20.03 -7.38 -8.45
C ASP B 43 19.01 -8.10 -7.58
N VAL B 44 17.78 -7.64 -7.62
CA VAL B 44 16.75 -8.27 -6.82
C VAL B 44 15.60 -8.73 -7.68
N LEU B 46 11.80 -9.87 -7.24
CA LEU B 46 10.67 -9.93 -6.33
C LEU B 46 9.70 -11.00 -6.81
N SER B 47 9.00 -11.60 -5.85
CA SER B 47 7.97 -12.60 -6.14
C SER B 47 6.95 -12.21 -5.09
N ALA B 48 5.78 -11.77 -5.55
CA ALA B 48 4.76 -11.30 -4.63
C ALA B 48 3.75 -12.32 -4.12
N VAL B 49 3.34 -12.13 -2.87
CA VAL B 49 2.32 -12.96 -2.25
C VAL B 49 1.07 -12.05 -2.18
N ALA B 50 -0.08 -12.61 -2.53
CA ALA B 50 -1.35 -11.89 -2.51
C ALA B 50 -2.47 -12.89 -2.27
N PRO B 51 -3.70 -12.42 -1.96
CA PRO B 51 -4.81 -13.36 -1.73
C PRO B 51 -4.94 -14.44 -2.79
N SER B 52 -4.79 -14.06 -4.06
CA SER B 52 -4.91 -15.04 -5.13
C SER B 52 -3.58 -15.66 -5.53
N ARG B 53 -2.53 -15.41 -4.74
CA ARG B 53 -1.22 -15.99 -5.07
C ARG B 53 -0.49 -16.42 -3.80
N ALA B 54 -0.71 -17.68 -3.42
CA ALA B 54 -0.10 -18.24 -2.22
C ALA B 54 1.41 -18.10 -2.14
N GLU B 55 1.92 -17.95 -0.93
CA GLU B 55 3.34 -17.81 -0.71
C GLU B 55 4.09 -19.02 -1.27
N LYS B 56 3.42 -20.17 -1.27
CA LYS B 56 3.99 -21.39 -1.81
C LYS B 56 4.24 -21.19 -3.31
N VAL B 57 3.26 -20.59 -3.99
CA VAL B 57 3.36 -20.34 -5.42
C VAL B 57 4.46 -19.31 -5.72
N ALA B 58 4.54 -18.30 -4.87
CA ALA B 58 5.53 -17.25 -5.03
C ALA B 58 6.96 -17.81 -4.89
N VAL B 59 7.16 -18.68 -3.90
CA VAL B 59 8.50 -19.24 -3.69
C VAL B 59 8.91 -20.13 -4.86
N GLN B 60 8.03 -21.02 -5.31
CA GLN B 60 8.37 -21.90 -6.43
C GLN B 60 8.76 -21.03 -7.61
N ALA B 61 8.12 -19.88 -7.74
CA ALA B 61 8.41 -18.95 -8.83
C ALA B 61 9.87 -18.49 -8.76
N LEU B 62 10.37 -18.23 -7.55
CA LEU B 62 11.75 -17.81 -7.38
C LEU B 62 12.69 -18.95 -7.76
N ARG B 64 12.39 -21.01 -10.11
CA ARG B 64 12.55 -21.12 -11.55
C ARG B 64 13.52 -20.04 -12.01
N GLU B 65 14.21 -19.41 -11.07
CA GLU B 65 15.15 -18.38 -11.41
C GLU B 65 16.53 -18.65 -10.79
N ARG B 66 17.52 -17.86 -11.19
CA ARG B 66 18.87 -18.05 -10.68
C ARG B 66 19.18 -17.26 -9.41
N CYS B 67 18.32 -17.40 -8.41
CA CYS B 67 18.51 -16.73 -7.13
C CYS B 67 19.56 -17.45 -6.30
N GLU B 68 20.54 -16.70 -5.81
CA GLU B 68 21.62 -17.26 -5.00
C GLU B 68 21.23 -17.32 -3.53
N ALA B 69 20.03 -16.81 -3.26
CA ALA B 69 19.50 -16.79 -1.90
C ALA B 69 18.05 -16.37 -1.97
N ALA B 70 17.30 -16.73 -0.95
CA ALA B 70 15.89 -16.37 -0.88
C ALA B 70 15.64 -15.67 0.45
N ILE B 71 15.18 -14.43 0.38
CA ILE B 71 14.85 -13.63 1.55
C ILE B 71 13.32 -13.54 1.62
N LEU B 72 12.74 -14.14 2.66
CA LEU B 72 11.29 -14.13 2.83
C LEU B 72 10.85 -13.13 3.88
N LEU B 73 10.08 -12.13 3.47
CA LEU B 73 9.59 -11.13 4.41
C LEU B 73 8.32 -11.60 5.14
N GLY B 74 8.40 -11.72 6.46
CA GLY B 74 7.25 -12.15 7.24
C GLY B 74 6.60 -13.44 6.76
N THR B 75 7.41 -14.41 6.35
CA THR B 75 6.90 -15.68 5.85
C THR B 75 6.06 -16.46 6.87
N ARG B 76 5.13 -17.26 6.37
CA ARG B 76 4.26 -18.07 7.22
C ARG B 76 4.59 -19.56 7.09
N PHE B 77 5.68 -19.86 6.38
CA PHE B 77 6.12 -21.24 6.18
C PHE B 77 6.47 -21.89 7.51
N ASP B 78 6.09 -23.15 7.69
CA ASP B 78 6.41 -23.87 8.91
C ASP B 78 7.81 -24.47 8.76
N THR B 79 8.26 -25.17 9.80
CA THR B 79 9.58 -25.79 9.80
C THR B 79 9.85 -26.63 8.56
N ASP B 80 8.87 -27.42 8.15
CA ASP B 80 8.99 -28.30 7.00
C ASP B 80 9.15 -27.56 5.67
N GLU B 81 8.29 -26.58 5.42
CA GLU B 81 8.36 -25.80 4.19
C GLU B 81 9.69 -25.05 4.12
N LEU B 82 10.11 -24.47 5.24
CA LEU B 82 11.37 -23.74 5.29
C LEU B 82 12.51 -24.72 5.01
N GLY B 83 12.47 -25.85 5.70
CA GLY B 83 13.52 -26.86 5.52
C GLY B 83 13.68 -27.22 4.06
N ALA B 84 12.58 -27.58 3.40
CA ALA B 84 12.63 -27.95 2.00
C ALA B 84 13.23 -26.83 1.15
N LEU B 85 12.89 -25.59 1.49
CA LEU B 85 13.42 -24.45 0.76
C LEU B 85 14.91 -24.28 0.99
N ALA B 86 15.33 -24.45 2.24
CA ALA B 86 16.72 -24.31 2.63
C ALA B 86 17.58 -25.40 1.97
N ASP B 87 16.95 -26.51 1.59
CA ASP B 87 17.68 -27.60 0.96
C ASP B 87 17.99 -27.29 -0.50
N ARG B 88 17.39 -26.24 -1.03
CA ARG B 88 17.61 -25.87 -2.43
C ARG B 88 18.43 -24.61 -2.59
N VAL B 89 18.32 -23.70 -1.64
CA VAL B 89 19.05 -22.45 -1.72
C VAL B 89 19.18 -21.83 -0.35
N PRO B 90 20.27 -21.09 -0.09
CA PRO B 90 20.40 -20.47 1.22
C PRO B 90 19.17 -19.57 1.42
N ALA B 91 18.62 -19.58 2.62
CA ALA B 91 17.43 -18.79 2.91
C ALA B 91 17.51 -18.01 4.22
N LEU B 92 16.83 -16.87 4.26
CA LEU B 92 16.79 -15.99 5.42
C LEU B 92 15.41 -15.34 5.52
N VAL B 93 14.83 -15.39 6.71
CA VAL B 93 13.52 -14.80 6.93
C VAL B 93 13.70 -13.44 7.62
N VAL B 94 12.75 -12.54 7.37
CA VAL B 94 12.79 -11.22 7.98
C VAL B 94 11.54 -10.96 8.81
N ALA B 95 11.72 -10.24 9.92
CA ALA B 95 10.63 -9.88 10.81
C ALA B 95 10.08 -11.03 11.62
N ARG B 96 10.87 -12.09 11.73
CA ARG B 96 10.46 -13.26 12.52
C ARG B 96 11.64 -14.22 12.66
N ALA B 97 11.53 -15.14 13.62
CA ALA B 97 12.57 -16.13 13.84
C ALA B 97 12.34 -17.26 12.86
N SER B 98 13.42 -17.84 12.33
CA SER B 98 13.30 -18.94 11.38
C SER B 98 12.80 -20.19 12.08
N GLY B 99 13.29 -20.40 13.29
CA GLY B 99 12.91 -21.58 14.05
C GLY B 99 13.61 -22.80 13.49
N LEU B 100 14.69 -22.56 12.74
CA LEU B 100 15.45 -23.64 12.12
C LEU B 100 16.92 -23.29 11.94
N PRO B 101 17.82 -24.14 12.45
CA PRO B 101 19.25 -23.84 12.29
C PRO B 101 19.55 -24.00 10.80
N GLY B 102 20.36 -23.10 10.26
CA GLY B 102 20.67 -23.18 8.85
C GLY B 102 19.90 -22.13 8.08
N VAL B 103 18.78 -21.67 8.65
CA VAL B 103 17.97 -20.63 8.04
C VAL B 103 18.18 -19.36 8.84
N GLY B 104 18.79 -18.36 8.23
CA GLY B 104 19.06 -17.11 8.93
C GLY B 104 17.83 -16.25 9.14
N ALA B 105 17.95 -15.28 10.05
CA ALA B 105 16.84 -14.38 10.33
C ALA B 105 17.36 -13.02 10.75
N VAL B 106 16.61 -11.99 10.40
CA VAL B 106 16.90 -10.62 10.73
C VAL B 106 15.55 -10.04 11.13
N ARG B 107 15.38 -9.79 12.43
CA ARG B 107 14.12 -9.30 12.97
C ARG B 107 14.32 -8.27 14.08
N GLY B 108 13.25 -7.56 14.39
CA GLY B 108 13.31 -6.56 15.45
C GLY B 108 12.98 -7.20 16.78
N ASP B 109 13.39 -6.54 17.86
CA ASP B 109 13.13 -7.05 19.20
C ASP B 109 11.71 -6.62 19.57
N ASP B 110 10.71 -7.39 19.12
CA ASP B 110 9.31 -7.10 19.38
C ASP B 110 8.95 -6.89 20.84
N VAL B 111 9.51 -7.72 21.73
CA VAL B 111 9.24 -7.58 23.16
C VAL B 111 9.72 -6.20 23.58
N ALA B 112 10.97 -5.89 23.23
CA ALA B 112 11.55 -4.59 23.57
C ALA B 112 10.75 -3.44 22.96
N GLY B 113 10.31 -3.63 21.72
CA GLY B 113 9.55 -2.58 21.05
C GLY B 113 8.27 -2.19 21.74
N ILE B 114 7.46 -3.18 22.07
CA ILE B 114 6.19 -2.89 22.72
C ILE B 114 6.43 -2.37 24.14
N THR B 115 7.52 -2.81 24.77
CA THR B 115 7.83 -2.33 26.11
C THR B 115 8.07 -0.82 26.03
N LEU B 116 8.71 -0.35 24.96
CA LEU B 116 8.95 1.09 24.77
C LEU B 116 7.60 1.82 24.68
N ALA B 117 6.68 1.25 23.92
CA ALA B 117 5.35 1.82 23.76
C ALA B 117 4.68 1.93 25.12
N VAL B 118 4.70 0.85 25.91
CA VAL B 118 4.09 0.85 27.23
C VAL B 118 4.79 1.83 28.18
N ASP B 119 6.13 1.81 28.20
CA ASP B 119 6.86 2.73 29.08
C ASP B 119 6.47 4.17 28.75
N HIS B 120 6.40 4.48 27.46
CA HIS B 120 6.03 5.82 27.01
C HIS B 120 4.66 6.21 27.54
N LEU B 121 3.69 5.32 27.43
CA LEU B 121 2.32 5.58 27.89
C LEU B 121 2.19 5.68 29.41
N THR B 122 2.85 4.80 30.15
CA THR B 122 2.73 4.87 31.60
C THR B 122 3.43 6.17 32.06
N GLU B 123 4.55 6.51 31.42
CA GLU B 123 5.27 7.74 31.77
C GLU B 123 4.39 8.96 31.57
N LEU B 124 3.42 8.86 30.64
CA LEU B 124 2.49 9.97 30.39
C LEU B 124 1.29 9.87 31.33
N GLY B 125 1.35 8.91 32.24
CA GLY B 125 0.28 8.74 33.23
C GLY B 125 -0.82 7.72 32.97
N HIS B 126 -0.79 7.06 31.82
CA HIS B 126 -1.82 6.08 31.48
C HIS B 126 -1.71 4.80 32.31
N ARG B 127 -2.86 4.26 32.70
CA ARG B 127 -2.90 3.03 33.49
C ARG B 127 -3.84 1.99 32.87
N ASN B 128 -4.96 2.43 32.30
CA ASN B 128 -5.88 1.51 31.65
C ASN B 128 -5.41 1.50 30.21
N ILE B 129 -4.51 0.58 29.90
CA ILE B 129 -3.94 0.49 28.58
C ILE B 129 -4.32 -0.80 27.88
N ALA B 130 -4.70 -0.67 26.61
CA ALA B 130 -5.10 -1.82 25.83
C ALA B 130 -4.18 -2.10 24.66
N HIS B 131 -4.16 -3.37 24.27
CA HIS B 131 -3.36 -3.80 23.14
C HIS B 131 -4.26 -4.58 22.21
N ILE B 132 -4.22 -4.22 20.92
CA ILE B 132 -4.98 -4.95 19.90
C ILE B 132 -3.85 -5.75 19.25
N ASP B 133 -3.82 -7.06 19.51
CA ASP B 133 -2.74 -7.91 19.00
C ASP B 133 -2.85 -8.32 17.54
N GLY B 134 -1.77 -8.92 17.04
CA GLY B 134 -1.75 -9.33 15.65
C GLY B 134 -2.16 -10.76 15.40
N ALA B 135 -2.85 -11.36 16.36
CA ALA B 135 -3.30 -12.74 16.23
C ALA B 135 -2.10 -13.65 16.01
N ASP B 136 -2.10 -14.40 14.91
CA ASP B 136 -1.00 -15.32 14.66
C ASP B 136 -0.02 -14.81 13.61
N ALA B 137 -0.10 -13.52 13.29
CA ALA B 137 0.81 -12.96 12.30
C ALA B 137 2.20 -12.90 12.93
N PRO B 138 3.26 -12.92 12.11
CA PRO B 138 4.62 -12.84 12.65
C PRO B 138 4.70 -11.63 13.57
N GLY B 139 5.23 -11.83 14.77
CA GLY B 139 5.36 -10.72 15.70
C GLY B 139 4.20 -10.65 16.67
N GLY B 140 3.08 -11.28 16.32
CA GLY B 140 1.92 -11.25 17.19
C GLY B 140 2.15 -11.74 18.62
N ALA B 141 2.54 -13.01 18.76
CA ALA B 141 2.76 -13.57 20.08
C ALA B 141 3.76 -12.75 20.90
N ASP B 142 4.89 -12.39 20.32
CA ASP B 142 5.90 -11.61 21.06
C ASP B 142 5.40 -10.26 21.54
N ARG B 143 4.72 -9.51 20.69
CA ARG B 143 4.22 -8.21 21.12
C ARG B 143 3.13 -8.37 22.16
N ARG B 144 2.38 -9.46 22.08
CA ARG B 144 1.34 -9.69 23.08
C ARG B 144 1.99 -10.02 24.43
N ALA B 145 2.95 -10.93 24.44
CA ALA B 145 3.64 -11.29 25.67
C ALA B 145 4.42 -10.09 26.20
N GLY B 146 5.09 -9.40 25.30
CA GLY B 146 5.83 -8.23 25.72
C GLY B 146 4.91 -7.19 26.34
N PHE B 147 3.72 -7.01 25.78
CA PHE B 147 2.76 -6.03 26.29
C PHE B 147 2.30 -6.37 27.72
N LEU B 148 1.93 -7.63 27.92
CA LEU B 148 1.47 -8.09 29.22
C LEU B 148 2.59 -8.01 30.25
N ALA B 149 3.81 -8.35 29.83
CA ALA B 149 4.95 -8.31 30.74
C ALA B 149 5.22 -6.87 31.18
N ALA B 150 5.25 -5.96 30.21
CA ALA B 150 5.51 -4.57 30.53
C ALA B 150 4.42 -4.01 31.44
N ASP B 152 2.70 -5.59 33.60
CA ASP B 152 2.91 -6.21 34.90
C ASP B 152 4.06 -5.55 35.64
N ARG B 153 5.09 -5.15 34.90
CA ARG B 153 6.25 -4.48 35.49
C ARG B 153 5.86 -3.15 36.11
N HIS B 154 4.82 -2.52 35.57
CA HIS B 154 4.34 -1.25 36.09
C HIS B 154 3.21 -1.41 37.11
N GLY B 155 2.92 -2.64 37.48
CA GLY B 155 1.86 -2.90 38.45
C GLY B 155 0.47 -2.65 37.88
N LEU B 156 0.32 -2.83 36.58
CA LEU B 156 -0.95 -2.58 35.91
C LEU B 156 -1.63 -3.81 35.29
N SER B 157 -1.24 -5.01 35.73
CA SER B 157 -1.84 -6.23 35.20
C SER B 157 -3.36 -6.27 35.30
N ALA B 158 -3.93 -5.59 36.30
CA ALA B 158 -5.38 -5.59 36.48
C ALA B 158 -6.11 -4.55 35.62
N SER B 159 -5.36 -3.67 34.95
CA SER B 159 -5.98 -2.67 34.09
C SER B 159 -5.43 -2.82 32.66
N ALA B 160 -4.89 -4.00 32.36
CA ALA B 160 -4.35 -4.28 31.05
C ALA B 160 -5.35 -5.11 30.25
N THR B 161 -5.63 -4.70 29.03
CA THR B 161 -6.58 -5.41 28.18
C THR B 161 -5.96 -5.78 26.83
N VAL B 162 -6.16 -7.03 26.42
CA VAL B 162 -5.66 -7.48 25.12
C VAL B 162 -6.81 -8.05 24.31
N VAL B 163 -7.05 -7.48 23.13
CA VAL B 163 -8.12 -7.99 22.28
C VAL B 163 -7.49 -8.49 21.00
N THR B 164 -8.03 -9.59 20.47
CA THR B 164 -7.51 -10.18 19.26
C THR B 164 -7.78 -9.23 18.09
N GLY B 165 -6.72 -8.92 17.33
CA GLY B 165 -6.87 -8.02 16.22
C GLY B 165 -6.39 -8.62 14.91
N GLY B 166 -5.50 -7.91 14.24
CA GLY B 166 -4.97 -8.38 12.98
C GLY B 166 -3.99 -7.34 12.46
N THR B 167 -3.74 -7.35 11.15
CA THR B 167 -2.80 -6.41 10.53
C THR B 167 -3.46 -5.37 9.65
N THR B 168 -4.79 -5.38 9.55
CA THR B 168 -5.47 -4.42 8.69
C THR B 168 -6.28 -3.40 9.46
N GLU B 169 -6.70 -2.35 8.75
CA GLU B 169 -7.49 -1.28 9.36
C GLU B 169 -8.80 -1.79 9.95
N THR B 170 -9.37 -2.83 9.35
CA THR B 170 -10.62 -3.38 9.85
C THR B 170 -10.53 -3.94 11.26
N GLU B 171 -9.46 -4.68 11.54
CA GLU B 171 -9.30 -5.25 12.88
C GLU B 171 -9.02 -4.12 13.87
N GLY B 172 -8.34 -3.09 13.37
CA GLY B 172 -8.05 -1.96 14.24
C GLY B 172 -9.37 -1.37 14.69
N ALA B 173 -10.24 -1.10 13.72
CA ALA B 173 -11.55 -0.52 14.00
C ALA B 173 -12.40 -1.42 14.91
N GLU B 174 -12.52 -2.69 14.55
CA GLU B 174 -13.31 -3.62 15.35
C GLU B 174 -12.77 -3.74 16.77
N GLY B 175 -11.46 -3.91 16.88
CA GLY B 175 -10.85 -4.01 18.20
C GLY B 175 -11.12 -2.78 19.03
N HIS B 177 -13.65 -0.73 18.71
CA HIS B 177 -15.07 -0.73 18.99
C HIS B 177 -15.29 -1.61 20.24
N THR B 178 -14.73 -2.81 20.21
CA THR B 178 -14.84 -3.74 21.33
C THR B 178 -14.38 -3.05 22.61
N LEU B 179 -13.22 -2.42 22.55
CA LEU B 179 -12.63 -1.73 23.71
C LEU B 179 -13.52 -0.61 24.23
N LEU B 180 -14.18 0.11 23.33
CA LEU B 180 -15.06 1.21 23.74
C LEU B 180 -16.32 0.73 24.46
N GLU B 181 -16.73 -0.50 24.15
CA GLU B 181 -17.93 -1.09 24.74
C GLU B 181 -17.67 -1.56 26.18
N PRO B 183 -16.65 -1.99 30.24
CA PRO B 183 -17.10 -1.35 31.47
C PRO B 183 -16.18 -0.17 31.75
N THR B 184 -14.89 -0.40 31.57
CA THR B 184 -13.89 0.63 31.78
C THR B 184 -12.99 0.72 30.55
N PRO B 185 -13.37 1.56 29.57
CA PRO B 185 -12.59 1.71 28.33
C PRO B 185 -11.18 2.19 28.67
N PRO B 186 -10.19 1.83 27.84
CA PRO B 186 -8.82 2.26 28.10
C PRO B 186 -8.58 3.69 27.61
N THR B 187 -7.60 4.36 28.20
CA THR B 187 -7.27 5.73 27.79
C THR B 187 -6.12 5.74 26.80
N ALA B 188 -5.53 4.57 26.56
CA ALA B 188 -4.43 4.44 25.61
C ALA B 188 -4.54 3.08 24.96
N VAL B 189 -4.11 3.00 23.71
CA VAL B 189 -4.19 1.76 22.97
C VAL B 189 -2.95 1.56 22.13
N VAL B 190 -2.33 0.40 22.24
CA VAL B 190 -1.17 0.07 21.44
C VAL B 190 -1.65 -0.92 20.38
N ALA B 191 -1.64 -0.49 19.11
CA ALA B 191 -2.08 -1.35 18.01
C ALA B 191 -0.94 -2.25 17.55
N PHE B 192 -1.31 -3.38 16.94
CA PHE B 192 -0.29 -4.33 16.47
C PHE B 192 0.67 -3.66 15.50
N ASN B 193 0.13 -2.95 14.50
CA ASN B 193 0.96 -2.22 13.54
C ASN B 193 0.27 -0.93 13.10
N ASP B 194 0.97 -0.11 12.32
CA ASP B 194 0.43 1.16 11.83
C ASP B 194 -0.89 1.06 11.06
N ARG B 195 -1.03 0.04 10.23
CA ARG B 195 -2.26 -0.13 9.46
C ARG B 195 -3.43 -0.42 10.40
N CYS B 196 -3.15 -1.17 11.46
CA CYS B 196 -4.16 -1.49 12.45
C CYS B 196 -4.54 -0.21 13.20
N ALA B 197 -3.50 0.58 13.52
CA ALA B 197 -3.69 1.85 14.22
C ALA B 197 -4.51 2.81 13.37
N THR B 198 -4.30 2.76 12.06
CA THR B 198 -5.06 3.62 11.17
C THR B 198 -6.56 3.40 11.36
N GLY B 199 -6.96 2.14 11.56
CA GLY B 199 -8.36 1.83 11.77
C GLY B 199 -8.86 2.28 13.13
N VAL B 200 -7.97 2.25 14.11
CA VAL B 200 -8.28 2.66 15.46
C VAL B 200 -8.57 4.16 15.46
N LEU B 201 -7.71 4.93 14.79
CA LEU B 201 -7.88 6.37 14.69
C LEU B 201 -9.13 6.73 13.89
N ASP B 202 -9.39 5.98 12.82
CA ASP B 202 -10.55 6.22 11.98
C ASP B 202 -11.84 6.06 12.78
N LEU B 203 -11.89 5.04 13.61
CA LEU B 203 -13.07 4.79 14.43
C LEU B 203 -13.22 5.84 15.51
N LEU B 204 -12.12 6.13 16.21
CA LEU B 204 -12.13 7.11 17.30
C LEU B 204 -12.59 8.49 16.84
N VAL B 205 -12.09 8.95 15.70
CA VAL B 205 -12.46 10.27 15.22
C VAL B 205 -13.91 10.28 14.76
N ARG B 206 -14.37 9.18 14.18
CA ARG B 206 -15.75 9.07 13.71
C ARG B 206 -16.71 8.89 14.87
N SER B 207 -16.15 8.54 16.03
CA SER B 207 -16.94 8.33 17.22
C SER B 207 -17.00 9.59 18.06
N GLY B 208 -16.35 10.64 17.57
CA GLY B 208 -16.34 11.92 18.27
C GLY B 208 -15.29 12.03 19.37
N ARG B 209 -14.39 11.06 19.45
CA ARG B 209 -13.35 11.11 20.47
C ARG B 209 -12.06 11.67 19.89
N ASP B 210 -11.41 12.53 20.68
CA ASP B 210 -10.16 13.16 20.24
C ASP B 210 -8.92 12.36 20.61
N VAL B 211 -7.94 12.40 19.71
CA VAL B 211 -6.67 11.73 19.90
C VAL B 211 -5.64 12.85 19.77
N PRO B 212 -4.76 13.01 20.78
CA PRO B 212 -4.67 12.23 22.02
C PRO B 212 -5.51 12.73 23.20
N ALA B 213 -6.13 13.89 23.06
CA ALA B 213 -6.93 14.47 24.13
C ALA B 213 -7.69 13.43 24.96
N ASP B 214 -8.61 12.71 24.31
CA ASP B 214 -9.38 11.70 25.01
C ASP B 214 -8.64 10.38 25.15
N ILE B 215 -8.11 9.88 24.03
CA ILE B 215 -7.39 8.60 23.99
C ILE B 215 -6.09 8.69 23.19
N SER B 216 -5.05 8.04 23.70
CA SER B 216 -3.75 8.01 23.02
C SER B 216 -3.64 6.71 22.22
N VAL B 217 -2.94 6.77 21.10
CA VAL B 217 -2.78 5.61 20.24
C VAL B 217 -1.33 5.48 19.80
N VAL B 218 -0.82 4.26 19.78
CA VAL B 218 0.55 3.98 19.34
C VAL B 218 0.50 2.87 18.29
N GLY B 219 1.26 3.04 17.21
CA GLY B 219 1.31 2.03 16.17
C GLY B 219 2.61 1.27 16.24
N TYR B 220 2.99 0.61 15.15
CA TYR B 220 4.22 -0.13 15.10
C TYR B 220 4.65 -0.28 13.64
N ASP B 221 5.95 -0.06 13.40
CA ASP B 221 6.61 -0.15 12.09
C ASP B 221 7.20 1.16 11.56
N ASP B 222 6.55 2.28 11.88
CA ASP B 222 6.95 3.61 11.41
C ASP B 222 6.93 3.55 9.88
N SER B 223 5.79 3.15 9.34
CA SER B 223 5.62 3.04 7.90
C SER B 223 5.08 4.36 7.36
N ARG B 224 4.92 4.44 6.04
CA ARG B 224 4.43 5.67 5.41
C ARG B 224 3.12 6.16 5.99
N LEU B 225 2.31 5.24 6.50
CA LEU B 225 1.03 5.60 7.08
C LEU B 225 1.21 6.55 8.27
N ALA B 226 2.19 6.23 9.11
CA ALA B 226 2.45 7.02 10.32
C ALA B 226 3.00 8.43 10.11
N ARG B 227 3.75 8.62 9.02
CA ARG B 227 4.35 9.93 8.77
C ARG B 227 3.45 10.89 8.00
N ILE B 228 2.35 10.38 7.44
CA ILE B 228 1.43 11.22 6.69
C ILE B 228 1.14 12.45 7.54
N PRO B 229 1.35 13.66 6.97
CA PRO B 229 1.15 14.95 7.62
C PRO B 229 -0.08 15.14 8.51
N HIS B 230 -1.24 14.63 8.11
CA HIS B 230 -2.42 14.81 8.95
C HIS B 230 -2.71 13.64 9.88
N VAL B 231 -1.88 12.60 9.80
CA VAL B 231 -2.05 11.45 10.67
C VAL B 231 -1.15 11.61 11.89
N GLN B 232 0.14 11.87 11.63
CA GLN B 232 1.15 12.08 12.68
C GLN B 232 1.04 11.05 13.82
N THR B 234 2.21 8.28 16.50
CA THR B 234 3.30 7.90 17.38
C THR B 234 3.42 6.40 17.10
N THR B 235 4.64 5.92 16.89
CA THR B 235 4.85 4.53 16.52
C THR B 235 6.22 4.02 16.94
N ILE B 236 6.46 2.74 16.71
CA ILE B 236 7.73 2.12 17.04
C ILE B 236 8.46 1.72 15.76
N SER B 237 9.64 2.28 15.54
CA SER B 237 10.40 1.98 14.34
C SER B 237 11.22 0.71 14.46
N GLN B 238 11.32 0.00 13.36
CA GLN B 238 12.09 -1.23 13.29
C GLN B 238 13.34 -0.93 12.47
N ASP B 239 13.45 0.32 12.04
CA ASP B 239 14.58 0.78 11.23
C ASP B 239 14.71 -0.06 9.97
N ALA B 240 13.77 0.14 9.06
CA ALA B 240 13.74 -0.58 7.79
C ALA B 240 15.08 -0.60 7.03
N THR B 241 15.73 0.56 6.93
CA THR B 241 16.99 0.62 6.21
C THR B 241 18.04 -0.32 6.79
N HIS B 242 18.24 -0.26 8.11
CA HIS B 242 19.23 -1.14 8.75
C HIS B 242 18.81 -2.60 8.69
N ALA B 244 17.02 -3.94 6.27
CA ALA B 244 17.22 -4.36 4.88
C ALA B 244 18.69 -4.66 4.60
N GLU B 245 19.59 -3.79 5.07
CA GLU B 245 21.02 -3.97 4.85
C GLU B 245 21.50 -5.24 5.53
N ALA B 246 20.99 -5.49 6.74
CA ALA B 246 21.36 -6.66 7.52
C ALA B 246 20.87 -7.94 6.85
N ALA B 247 19.66 -7.89 6.28
CA ALA B 247 19.11 -9.05 5.61
C ALA B 247 19.96 -9.39 4.38
N VAL B 248 20.32 -8.36 3.61
CA VAL B 248 21.14 -8.58 2.41
C VAL B 248 22.52 -9.12 2.79
N ASP B 249 23.16 -8.54 3.81
CA ASP B 249 24.48 -9.00 4.25
C ASP B 249 24.42 -10.43 4.78
N GLY B 250 23.36 -10.73 5.54
CA GLY B 250 23.21 -12.07 6.08
C GLY B 250 23.08 -13.07 4.94
N ALA B 251 22.35 -12.70 3.90
CA ALA B 251 22.17 -13.58 2.75
C ALA B 251 23.48 -13.74 1.99
N LEU B 252 24.18 -12.64 1.74
CA LEU B 252 25.46 -12.71 1.03
C LEU B 252 26.47 -13.51 1.87
N ALA B 253 26.33 -13.46 3.19
CA ALA B 253 27.23 -14.18 4.08
C ALA B 253 26.96 -15.68 3.99
N GLN B 254 25.68 -16.06 3.89
CA GLN B 254 25.29 -17.46 3.79
C GLN B 254 25.68 -18.04 2.43
N ILE B 255 25.71 -17.19 1.42
CA ILE B 255 26.11 -17.63 0.09
C ILE B 255 27.62 -17.87 0.11
N SER B 256 28.33 -17.06 0.90
CA SER B 256 29.77 -17.18 1.05
C SER B 256 30.10 -18.43 1.85
N GLY B 257 29.07 -19.07 2.40
CA GLY B 257 29.28 -20.28 3.17
C GLY B 257 29.22 -20.11 4.67
N ASP B 258 29.11 -18.86 5.14
CA ASP B 258 29.05 -18.61 6.57
C ASP B 258 27.80 -19.24 7.19
N LYS B 259 27.90 -19.59 8.47
CA LYS B 259 26.78 -20.20 9.17
C LYS B 259 25.62 -19.22 9.30
N ALA B 260 24.40 -19.75 9.35
CA ALA B 260 23.20 -18.90 9.45
C ALA B 260 23.09 -18.25 10.83
N VAL B 261 22.73 -16.98 10.85
CA VAL B 261 22.61 -16.24 12.10
C VAL B 261 21.21 -15.67 12.34
N ASP B 262 20.83 -15.61 13.62
CA ASP B 262 19.54 -15.06 14.03
C ASP B 262 19.86 -13.67 14.61
N LEU B 263 19.78 -12.65 13.75
CA LEU B 263 20.10 -11.29 14.16
C LEU B 263 18.89 -10.47 14.63
N VAL B 264 18.90 -10.10 15.91
CA VAL B 264 17.83 -9.30 16.49
C VAL B 264 18.26 -7.84 16.62
N LEU B 265 17.47 -6.94 16.05
CA LEU B 265 17.76 -5.52 16.07
C LEU B 265 16.90 -4.73 17.06
N ALA B 266 17.49 -3.70 17.65
CA ALA B 266 16.79 -2.85 18.61
C ALA B 266 15.90 -1.85 17.89
N PRO B 267 14.64 -1.69 18.38
CA PRO B 267 13.71 -0.75 17.78
C PRO B 267 13.76 0.54 18.58
N HIS B 268 13.11 1.59 18.10
CA HIS B 268 13.07 2.85 18.84
C HIS B 268 11.74 3.54 18.72
N LEU B 269 11.44 4.38 19.70
CA LEU B 269 10.18 5.09 19.74
C LEU B 269 10.23 6.34 18.87
N VAL B 270 9.16 6.55 18.12
CA VAL B 270 9.05 7.71 17.28
C VAL B 270 7.77 8.41 17.69
N ARG B 271 7.93 9.49 18.46
CA ARG B 271 6.79 10.26 18.96
C ARG B 271 6.31 11.30 17.97
N ARG B 272 5.00 11.32 17.78
CA ARG B 272 4.40 12.29 16.90
C ARG B 272 3.24 12.90 17.68
N ALA B 273 2.04 12.96 17.10
CA ALA B 273 0.94 13.61 17.81
C ALA B 273 -0.24 12.76 18.27
N THR B 274 -0.11 11.43 18.26
CA THR B 274 -1.22 10.59 18.68
C THR B 274 -1.14 10.10 20.13
N THR B 275 -0.18 10.62 20.89
CA THR B 275 -0.05 10.25 22.30
C THR B 275 0.12 11.51 23.13
N GLY B 276 -0.31 11.45 24.39
CA GLY B 276 -0.20 12.60 25.26
C GLY B 276 -0.66 12.27 26.67
N PRO B 277 -0.61 13.23 27.60
CA PRO B 277 -1.05 12.98 28.98
C PRO B 277 -2.45 12.35 29.04
N VAL B 278 -2.67 11.51 30.04
CA VAL B 278 -3.96 10.86 30.24
C VAL B 278 -5.02 11.90 30.55
N ALA B 279 -6.22 11.69 30.04
CA ALA B 279 -7.31 12.64 30.30
C ALA B 279 -7.55 12.73 31.81
#